data_1ZEJ
#
_entry.id   1ZEJ
#
_cell.length_a   146.331
_cell.length_b   146.331
_cell.length_c   62.730
_cell.angle_alpha   90.00
_cell.angle_beta   90.00
_cell.angle_gamma   120.00
#
_symmetry.space_group_name_H-M   'P 6 2 2'
#
loop_
_entity.id
_entity.type
_entity.pdbx_description
1 polymer '3-hydroxyacyl-CoA dehydrogenase'
2 non-polymer 'CHLORIDE ION'
3 non-polymer 3,6,9,12,15,18,21-HEPTAOXATRICOSANE-1,23-DIOL
4 water water
#
_entity_poly.entity_id   1
_entity_poly.type   'polypeptide(L)'
_entity_poly.pdbx_seq_one_letter_code
;(MSE)GSDKIHHHHHH(MSE)KVFVIGAGL(MSE)GRGIAIAIASKHEVVLQDVSEKALEAAREQIPEELLSKIEFTTTL
EKVKDCDIV(MSE)EAVFEDLNTKVEVLREVERLTNAPLCSNTSVISVDDIAERLDSPSRFLGVHW(MSE)NPPHV
(MSE)PLVEIVISRFTDSKTVAFVEGFLRELGKEVVVCKGQSLVNRFNAAVLSEASR(MSE)IEEGVRAEDVDRVWKHHL
GLLYTLFGPLGNLDYIGLDVAYYASLYLYKRFGDEKFKPPEWLQEKIKKGEVGVKAGKGIYEYGPKAYEERVERLKKLLR
FLGLE
;
_entity_poly.pdbx_strand_id   A
#
# COMPACT_ATOMS: atom_id res chain seq x y z
N HIS A 12 21.59 11.25 5.34
CA HIS A 12 21.74 10.40 4.13
C HIS A 12 22.18 9.01 4.57
N LYS A 14 22.58 4.62 3.57
CA LYS A 14 22.93 3.73 2.44
C LYS A 14 22.03 2.49 2.51
N VAL A 15 21.37 2.21 1.41
CA VAL A 15 20.34 1.21 1.35
C VAL A 15 20.79 0.18 0.40
N PHE A 16 20.70 -1.08 0.82
CA PHE A 16 21.05 -2.22 -0.05
C PHE A 16 19.79 -2.74 -0.66
N VAL A 17 19.75 -2.82 -1.99
CA VAL A 17 18.60 -3.36 -2.72
C VAL A 17 18.98 -4.62 -3.47
N ILE A 18 18.30 -5.71 -3.14
CA ILE A 18 18.57 -7.01 -3.74
C ILE A 18 17.57 -7.33 -4.84
N GLY A 19 18.07 -7.39 -6.09
CA GLY A 19 17.24 -7.77 -7.21
C GLY A 19 17.15 -6.57 -8.15
N ALA A 20 17.64 -6.72 -9.36
CA ALA A 20 17.71 -5.61 -10.30
C ALA A 20 16.62 -5.75 -11.40
N GLY A 21 15.55 -6.47 -11.09
CA GLY A 21 14.37 -6.49 -11.97
C GLY A 21 13.62 -5.19 -11.83
N LEU A 22 12.44 -5.11 -12.45
CA LEU A 22 11.65 -3.88 -12.48
C LEU A 22 11.42 -3.26 -11.08
N GLY A 24 13.02 -3.88 -8.07
CA GLY A 24 14.31 -3.52 -7.45
C GLY A 24 14.90 -2.25 -8.02
N ARG A 25 14.92 -2.19 -9.34
CA ARG A 25 15.34 -1.02 -10.12
C ARG A 25 14.52 0.22 -9.73
N GLY A 26 13.19 0.06 -9.63
CA GLY A 26 12.32 1.17 -9.25
C GLY A 26 12.52 1.64 -7.82
N ILE A 27 12.73 0.71 -6.91
CA ILE A 27 13.00 1.01 -5.50
C ILE A 27 14.33 1.79 -5.40
N ALA A 28 15.34 1.34 -6.13
CA ALA A 28 16.66 2.00 -6.15
C ALA A 28 16.53 3.45 -6.66
N ILE A 29 15.69 3.66 -7.68
CA ILE A 29 15.42 5.00 -8.20
C ILE A 29 14.70 5.87 -7.18
N ALA A 30 13.70 5.33 -6.53
CA ALA A 30 12.97 6.05 -5.47
C ALA A 30 13.90 6.48 -4.33
N ILE A 31 14.75 5.56 -3.90
CA ILE A 31 15.62 5.82 -2.77
C ILE A 31 16.80 6.78 -3.10
N ALA A 32 17.34 6.68 -4.32
CA ALA A 32 18.49 7.41 -4.72
C ALA A 32 18.24 8.91 -4.80
N SER A 33 16.96 9.31 -4.80
CA SER A 33 16.58 10.71 -4.70
C SER A 33 17.17 11.38 -3.45
N LYS A 34 17.27 10.62 -2.34
CA LYS A 34 17.72 11.13 -1.06
C LYS A 34 18.92 10.38 -0.46
N HIS A 35 19.21 9.16 -0.91
CA HIS A 35 20.17 8.29 -0.23
C HIS A 35 21.11 7.59 -1.21
N GLU A 36 22.16 7.01 -0.67
CA GLU A 36 23.00 6.17 -1.51
C GLU A 36 22.41 4.78 -1.58
N VAL A 37 22.57 4.14 -2.73
CA VAL A 37 22.06 2.82 -2.93
C VAL A 37 23.14 1.88 -3.46
N VAL A 38 23.13 0.67 -2.93
CA VAL A 38 23.82 -0.47 -3.57
C VAL A 38 22.76 -1.43 -4.17
N LEU A 39 22.79 -1.61 -5.46
CA LEU A 39 21.84 -2.47 -6.16
C LEU A 39 22.56 -3.72 -6.58
N GLN A 40 22.10 -4.85 -6.05
CA GLN A 40 22.78 -6.15 -6.24
C GLN A 40 21.89 -7.12 -7.06
N ASP A 41 22.53 -7.91 -7.90
CA ASP A 41 21.86 -8.99 -8.59
C ASP A 41 22.95 -9.96 -8.99
N VAL A 42 22.65 -11.25 -8.96
CA VAL A 42 23.60 -12.27 -9.40
C VAL A 42 23.89 -12.16 -10.92
N SER A 43 22.98 -11.51 -11.67
CA SER A 43 23.14 -11.30 -13.08
C SER A 43 23.70 -9.92 -13.50
N GLU A 44 24.90 -9.90 -14.05
CA GLU A 44 25.53 -8.66 -14.55
C GLU A 44 24.73 -8.04 -15.72
N LYS A 45 24.06 -8.89 -16.48
CA LYS A 45 23.21 -8.45 -17.57
C LYS A 45 22.02 -7.69 -17.03
N ALA A 46 21.44 -8.18 -15.94
CA ALA A 46 20.34 -7.47 -15.26
C ALA A 46 20.79 -6.13 -14.72
N LEU A 47 22.01 -6.09 -14.17
CA LEU A 47 22.57 -4.85 -13.64
C LEU A 47 22.80 -3.84 -14.78
N GLU A 48 23.29 -4.31 -15.93
CA GLU A 48 23.49 -3.44 -17.08
C GLU A 48 22.17 -2.91 -17.64
N ALA A 49 21.17 -3.77 -17.70
CA ALA A 49 19.85 -3.34 -18.15
C ALA A 49 19.28 -2.32 -17.17
N ALA A 50 19.46 -2.55 -15.88
CA ALA A 50 18.99 -1.61 -14.87
C ALA A 50 19.63 -0.24 -15.04
N ARG A 51 20.94 -0.24 -15.27
CA ARG A 51 21.70 0.99 -15.29
C ARG A 51 21.24 1.92 -16.41
N GLU A 52 20.91 1.32 -17.55
CA GLU A 52 20.43 2.08 -18.69
C GLU A 52 18.99 2.55 -18.53
N GLN A 53 18.25 2.02 -17.54
CA GLN A 53 16.89 2.54 -17.26
C GLN A 53 16.87 3.57 -16.11
N ILE A 54 18.01 3.80 -15.45
CA ILE A 54 18.05 4.71 -14.32
C ILE A 54 18.37 6.15 -14.76
N PRO A 55 17.64 7.15 -14.23
CA PRO A 55 17.93 8.53 -14.67
C PRO A 55 19.38 8.90 -14.42
N GLU A 56 19.97 9.58 -15.40
CA GLU A 56 21.42 9.79 -15.40
C GLU A 56 21.90 10.52 -14.15
N GLU A 57 21.13 11.49 -13.68
CA GLU A 57 21.48 12.27 -12.49
C GLU A 57 21.57 11.44 -11.23
N LEU A 58 20.91 10.26 -11.20
CA LEU A 58 20.93 9.40 -10.03
C LEU A 58 22.07 8.39 -10.03
N LEU A 59 22.80 8.27 -11.15
CA LEU A 59 23.76 7.17 -11.29
C LEU A 59 24.93 7.37 -10.35
N SER A 60 25.19 8.63 -9.97
CA SER A 60 26.27 8.92 -9.01
C SER A 60 25.94 8.39 -7.59
N LYS A 61 24.67 8.12 -7.30
CA LYS A 61 24.28 7.62 -5.97
C LYS A 61 24.09 6.09 -5.89
N ILE A 62 24.22 5.37 -7.01
CA ILE A 62 23.91 3.93 -7.08
C ILE A 62 25.16 3.13 -7.45
N GLU A 63 25.53 2.13 -6.65
CA GLU A 63 26.60 1.18 -6.96
C GLU A 63 25.89 -0.06 -7.47
N PHE A 64 26.36 -0.61 -8.58
CA PHE A 64 25.84 -1.88 -9.07
C PHE A 64 26.85 -2.97 -8.71
N THR A 65 26.37 -4.09 -8.19
CA THR A 65 27.28 -5.17 -7.79
C THR A 65 26.63 -6.53 -7.86
N THR A 66 27.45 -7.58 -7.92
CA THR A 66 26.92 -8.93 -7.82
C THR A 66 27.14 -9.56 -6.47
N THR A 67 27.84 -8.88 -5.56
CA THR A 67 28.17 -9.45 -4.25
C THR A 67 27.58 -8.67 -3.06
N LEU A 68 27.81 -9.20 -1.86
CA LEU A 68 27.11 -8.75 -0.66
C LEU A 68 27.99 -8.05 0.35
N GLU A 69 29.22 -7.72 -0.03
CA GLU A 69 30.15 -7.16 0.93
C GLU A 69 29.71 -5.81 1.49
N LYS A 70 28.93 -5.06 0.73
CA LYS A 70 28.49 -3.73 1.19
C LYS A 70 27.24 -3.80 2.10
N VAL A 71 26.63 -5.00 2.24
CA VAL A 71 25.44 -5.16 3.12
C VAL A 71 25.72 -4.67 4.54
N LYS A 72 26.87 -5.02 5.10
CA LYS A 72 27.21 -4.59 6.47
C LYS A 72 27.40 -3.07 6.62
N ASP A 73 27.66 -2.38 5.52
CA ASP A 73 27.73 -0.93 5.57
C ASP A 73 26.36 -0.26 5.41
N CYS A 74 25.27 -1.00 5.20
CA CYS A 74 24.01 -0.34 4.85
C CYS A 74 23.09 -0.24 6.06
N ASP A 75 22.18 0.73 6.05
CA ASP A 75 21.32 1.01 7.18
C ASP A 75 19.99 0.26 7.11
N ILE A 76 19.63 -0.20 5.92
CA ILE A 76 18.38 -0.86 5.63
C ILE A 76 18.64 -1.73 4.39
N VAL A 77 18.10 -2.94 4.39
CA VAL A 77 18.11 -3.82 3.23
C VAL A 77 16.70 -3.99 2.69
N GLU A 79 14.67 -6.22 -0.16
CA GLU A 79 14.75 -7.41 -1.00
C GLU A 79 13.58 -7.44 -2.00
N ALA A 80 13.90 -7.54 -3.29
CA ALA A 80 12.87 -7.60 -4.32
C ALA A 80 13.19 -8.69 -5.32
N VAL A 81 13.33 -9.94 -4.87
CA VAL A 81 13.66 -11.04 -5.77
C VAL A 81 12.38 -11.76 -6.18
N PHE A 82 12.52 -12.82 -6.97
CA PHE A 82 11.36 -13.61 -7.41
C PHE A 82 10.36 -13.94 -6.28
N GLU A 83 9.09 -13.79 -6.59
CA GLU A 83 7.98 -14.04 -5.68
C GLU A 83 7.78 -15.54 -5.37
N ASP A 84 8.63 -16.08 -4.51
CA ASP A 84 8.64 -17.49 -4.16
C ASP A 84 9.17 -17.57 -2.73
N LEU A 85 8.50 -18.31 -1.84
CA LEU A 85 8.90 -18.38 -0.43
C LEU A 85 10.35 -18.83 -0.22
N ASN A 86 10.73 -19.97 -0.80
CA ASN A 86 12.08 -20.49 -0.57
C ASN A 86 13.19 -19.56 -1.11
N THR A 87 12.93 -18.90 -2.23
CA THR A 87 13.92 -17.97 -2.82
C THR A 87 14.11 -16.78 -1.89
N LYS A 88 13.02 -16.22 -1.41
CA LYS A 88 13.10 -15.07 -0.51
C LYS A 88 13.78 -15.43 0.80
N VAL A 89 13.37 -16.58 1.37
CA VAL A 89 13.98 -17.07 2.61
C VAL A 89 15.49 -17.25 2.43
N GLU A 90 15.89 -17.86 1.33
CA GLU A 90 17.31 -18.10 1.07
C GLU A 90 18.15 -16.82 1.06
N VAL A 91 17.69 -15.81 0.31
CA VAL A 91 18.43 -14.55 0.23
C VAL A 91 18.40 -13.84 1.56
N LEU A 92 17.26 -13.83 2.23
CA LEU A 92 17.16 -13.15 3.52
C LEU A 92 18.00 -13.80 4.63
N ARG A 93 18.01 -15.13 4.67
CA ARG A 93 18.87 -15.84 5.60
C ARG A 93 20.37 -15.53 5.38
N GLU A 94 20.78 -15.33 4.12
CA GLU A 94 22.14 -14.94 3.82
C GLU A 94 22.46 -13.55 4.34
N VAL A 95 21.56 -12.59 4.03
CA VAL A 95 21.81 -11.22 4.45
C VAL A 95 21.72 -11.03 5.96
N GLU A 96 20.89 -11.80 6.65
CA GLU A 96 20.72 -11.59 8.09
C GLU A 96 21.97 -11.89 8.90
N ARG A 97 22.83 -12.75 8.37
CA ARG A 97 24.12 -13.01 8.98
C ARG A 97 25.12 -11.87 8.86
N LEU A 98 24.92 -10.99 7.87
CA LEU A 98 25.89 -9.95 7.53
C LEU A 98 25.58 -8.61 8.18
N THR A 99 24.34 -8.47 8.65
CA THR A 99 23.95 -7.20 9.21
C THR A 99 22.83 -7.42 10.20
N ASN A 100 22.71 -6.47 11.13
CA ASN A 100 21.55 -6.35 12.03
C ASN A 100 20.53 -5.27 11.58
N ALA A 101 20.74 -4.65 10.42
CA ALA A 101 19.82 -3.67 9.87
C ALA A 101 18.44 -4.24 9.65
N PRO A 102 17.42 -3.37 9.60
CA PRO A 102 16.10 -3.84 9.17
C PRO A 102 16.17 -4.46 7.78
N LEU A 103 15.46 -5.55 7.62
CA LEU A 103 15.36 -6.29 6.37
C LEU A 103 13.93 -6.22 5.89
N CYS A 104 13.73 -5.78 4.65
CA CYS A 104 12.42 -5.40 4.15
C CYS A 104 12.14 -6.15 2.86
N SER A 105 11.24 -7.12 2.83
CA SER A 105 10.91 -7.82 1.60
C SER A 105 9.76 -7.10 0.83
N ASN A 106 9.97 -6.78 -0.44
CA ASN A 106 8.89 -6.29 -1.32
C ASN A 106 8.14 -7.54 -1.71
N THR A 107 7.06 -7.81 -1.03
CA THR A 107 6.39 -9.08 -1.25
C THR A 107 5.01 -8.69 -1.74
N SER A 108 4.63 -9.21 -2.91
CA SER A 108 3.30 -8.98 -3.48
C SER A 108 2.22 -9.69 -2.67
N VAL A 109 2.34 -11.01 -2.56
CA VAL A 109 1.35 -11.81 -1.85
C VAL A 109 1.93 -12.87 -0.92
N ILE A 110 3.21 -13.20 -1.04
CA ILE A 110 3.83 -14.21 -0.18
C ILE A 110 3.73 -13.67 1.25
N SER A 111 3.22 -14.51 2.14
CA SER A 111 3.00 -14.14 3.54
C SER A 111 4.29 -13.74 4.29
N VAL A 112 4.29 -12.57 4.91
CA VAL A 112 5.43 -12.12 5.69
C VAL A 112 5.66 -12.98 6.91
N ASP A 113 4.57 -13.51 7.47
CA ASP A 113 4.69 -14.43 8.60
C ASP A 113 5.36 -15.74 8.16
N ASP A 114 5.05 -16.24 6.97
CA ASP A 114 5.69 -17.48 6.52
C ASP A 114 7.19 -17.28 6.27
N ILE A 115 7.55 -16.12 5.74
CA ILE A 115 8.95 -15.76 5.60
C ILE A 115 9.64 -15.61 6.98
N ALA A 116 9.02 -14.81 7.84
CA ALA A 116 9.59 -14.49 9.15
C ALA A 116 9.86 -15.70 9.98
N GLU A 117 8.99 -16.68 9.93
CA GLU A 117 9.17 -17.85 10.77
C GLU A 117 10.35 -18.73 10.32
N ARG A 118 10.91 -18.46 9.13
CA ARG A 118 12.04 -19.19 8.62
C ARG A 118 13.38 -18.43 8.75
N LEU A 119 13.33 -17.25 9.35
CA LEU A 119 14.52 -16.44 9.62
C LEU A 119 15.03 -16.67 11.04
N ASP A 120 16.32 -16.45 11.21
CA ASP A 120 16.98 -16.50 12.52
C ASP A 120 16.61 -15.31 13.40
N SER A 121 16.44 -14.14 12.81
CA SER A 121 16.21 -12.93 13.61
C SER A 121 15.04 -12.10 13.05
N PRO A 122 13.83 -12.64 13.19
CA PRO A 122 12.69 -12.01 12.53
C PRO A 122 12.17 -10.70 13.19
N SER A 123 12.71 -10.32 14.36
CA SER A 123 12.25 -9.09 14.98
C SER A 123 12.52 -7.85 14.14
N ARG A 124 13.51 -7.92 13.25
CA ARG A 124 13.87 -6.77 12.40
C ARG A 124 13.56 -7.02 10.92
N PHE A 125 12.63 -7.94 10.67
CA PHE A 125 12.17 -8.25 9.33
C PHE A 125 10.73 -7.74 9.21
N LEU A 126 10.44 -7.17 8.05
CA LEU A 126 9.07 -6.81 7.73
C LEU A 126 8.88 -6.72 6.23
N GLY A 127 7.65 -6.60 5.80
CA GLY A 127 7.32 -6.47 4.39
C GLY A 127 7.25 -4.99 4.10
N VAL A 128 7.75 -4.58 2.95
CA VAL A 128 7.53 -3.19 2.45
C VAL A 128 7.05 -3.31 1.02
N HIS A 129 5.76 -3.02 0.82
CA HIS A 129 5.02 -3.19 -0.41
C HIS A 129 4.92 -1.85 -1.16
N TRP A 130 5.75 -1.75 -2.19
CA TRP A 130 5.83 -0.58 -3.03
C TRP A 130 4.86 -0.75 -4.15
N ASN A 132 3.58 0.37 -8.23
CA ASN A 132 4.29 0.35 -9.49
C ASN A 132 3.96 1.56 -10.32
N PRO A 133 4.97 2.38 -10.70
CA PRO A 133 6.40 2.32 -10.33
C PRO A 133 6.68 2.91 -8.95
N PRO A 134 7.61 2.27 -8.18
CA PRO A 134 7.94 2.68 -6.83
C PRO A 134 8.32 4.15 -6.71
N HIS A 135 8.95 4.71 -7.73
CA HIS A 135 9.46 6.05 -7.70
C HIS A 135 8.41 7.06 -8.11
N VAL A 136 7.26 6.61 -8.57
CA VAL A 136 6.18 7.51 -8.93
C VAL A 136 5.03 7.50 -7.91
N PRO A 138 2.86 7.26 -4.70
CA PRO A 138 3.17 7.70 -3.33
C PRO A 138 2.96 6.69 -2.20
N LEU A 139 2.07 5.71 -2.36
CA LEU A 139 1.78 4.80 -1.26
C LEU A 139 2.81 3.69 -1.11
N VAL A 140 3.26 3.48 0.12
CA VAL A 140 4.02 2.30 0.45
C VAL A 140 3.38 1.72 1.71
N GLU A 141 3.10 0.44 1.68
CA GLU A 141 2.58 -0.27 2.84
C GLU A 141 3.69 -1.00 3.55
N ILE A 142 3.74 -0.89 4.86
CA ILE A 142 4.59 -1.75 5.66
C ILE A 142 3.71 -2.86 6.18
N VAL A 143 4.12 -4.11 5.96
CA VAL A 143 3.33 -5.24 6.35
C VAL A 143 4.14 -6.01 7.38
N ILE A 144 3.67 -6.00 8.61
CA ILE A 144 4.41 -6.60 9.69
C ILE A 144 4.00 -8.06 9.98
N SER A 145 4.97 -8.82 10.44
CA SER A 145 4.69 -10.17 10.90
C SER A 145 4.37 -10.11 12.39
N ARG A 146 3.98 -11.25 12.96
CA ARG A 146 3.84 -11.37 14.44
C ARG A 146 5.15 -11.21 15.20
N PHE A 147 6.27 -11.27 14.50
CA PHE A 147 7.58 -11.14 15.12
C PHE A 147 8.15 -9.74 15.11
N THR A 148 7.75 -8.92 14.16
CA THR A 148 8.36 -7.64 13.91
C THR A 148 8.25 -6.77 15.17
N ASP A 149 9.36 -6.15 15.57
CA ASP A 149 9.28 -5.24 16.73
C ASP A 149 8.93 -3.82 16.34
N SER A 150 8.50 -3.04 17.31
CA SER A 150 8.04 -1.67 17.06
C SER A 150 9.11 -0.72 16.57
N LYS A 151 10.31 -0.91 17.08
CA LYS A 151 11.47 -0.10 16.70
C LYS A 151 11.80 -0.22 15.23
N THR A 152 11.69 -1.44 14.71
CA THR A 152 11.94 -1.70 13.29
C THR A 152 10.86 -1.03 12.44
N VAL A 153 9.60 -1.15 12.84
CA VAL A 153 8.57 -0.45 12.15
C VAL A 153 8.77 1.05 12.12
N ALA A 154 9.01 1.66 13.28
CA ALA A 154 9.12 3.12 13.34
C ALA A 154 10.32 3.67 12.52
N PHE A 155 11.41 2.95 12.56
CA PHE A 155 12.58 3.26 11.76
C PHE A 155 12.25 3.25 10.25
N VAL A 156 11.65 2.18 9.79
CA VAL A 156 11.30 2.05 8.36
C VAL A 156 10.20 3.03 7.96
N GLU A 157 9.20 3.22 8.83
CA GLU A 157 8.17 4.21 8.58
C GLU A 157 8.74 5.61 8.43
N GLY A 158 9.65 6.00 9.33
CA GLY A 158 10.31 7.31 9.29
C GLY A 158 11.13 7.46 8.02
N PHE A 159 11.93 6.46 7.69
CA PHE A 159 12.70 6.45 6.43
C PHE A 159 11.78 6.69 5.23
N LEU A 160 10.72 5.93 5.14
CA LEU A 160 9.82 6.06 3.99
C LEU A 160 9.10 7.41 3.97
N ARG A 161 8.68 7.89 5.13
CA ARG A 161 7.98 9.18 5.21
C ARG A 161 8.92 10.30 4.77
N GLU A 162 10.16 10.23 5.23
CA GLU A 162 11.12 11.29 4.92
C GLU A 162 11.50 11.26 3.44
N LEU A 163 11.27 10.12 2.80
CA LEU A 163 11.47 10.02 1.37
C LEU A 163 10.33 10.66 0.59
N GLY A 164 9.24 11.02 1.27
CA GLY A 164 8.09 11.60 0.63
C GLY A 164 6.99 10.62 0.32
N LYS A 165 7.09 9.39 0.85
CA LYS A 165 6.02 8.41 0.65
C LYS A 165 4.90 8.56 1.67
N GLU A 166 3.68 8.16 1.28
CA GLU A 166 2.55 8.04 2.17
C GLU A 166 2.55 6.61 2.71
N VAL A 167 2.74 6.47 4.01
CA VAL A 167 2.97 5.14 4.58
C VAL A 167 1.75 4.67 5.35
N VAL A 168 1.35 3.42 5.10
CA VAL A 168 0.35 2.75 5.91
C VAL A 168 0.96 1.45 6.44
N VAL A 169 0.84 1.24 7.76
CA VAL A 169 1.36 0.04 8.43
C VAL A 169 0.22 -0.94 8.62
N CYS A 170 0.42 -2.19 8.19
CA CYS A 170 -0.62 -3.22 8.10
C CYS A 170 -0.09 -4.40 8.89
N LYS A 171 -0.96 -5.17 9.52
CA LYS A 171 -0.59 -6.42 10.18
C LYS A 171 -0.89 -7.61 9.29
N GLY A 172 0.16 -8.38 9.00
CA GLY A 172 0.06 -9.65 8.33
C GLY A 172 -0.26 -9.63 6.84
N GLN A 173 -1.23 -8.81 6.43
CA GLN A 173 -1.65 -8.72 5.00
C GLN A 173 -1.75 -7.29 4.56
N SER A 174 -1.42 -7.06 3.31
CA SER A 174 -1.66 -5.77 2.65
C SER A 174 -3.15 -5.35 2.60
N LEU A 175 -3.43 -4.10 2.97
CA LEU A 175 -4.78 -3.55 2.89
C LEU A 175 -5.20 -3.31 1.45
N VAL A 176 -4.27 -2.84 0.63
CA VAL A 176 -4.49 -2.72 -0.79
C VAL A 176 -4.86 -4.05 -1.43
N ASN A 177 -4.15 -5.13 -1.12
CA ASN A 177 -4.46 -6.46 -1.70
C ASN A 177 -5.87 -6.87 -1.24
N ARG A 178 -6.18 -6.56 0.02
CA ARG A 178 -7.49 -6.96 0.59
C ARG A 178 -8.61 -6.24 -0.14
N PHE A 179 -8.46 -4.93 -0.34
CA PHE A 179 -9.48 -4.16 -1.05
C PHE A 179 -9.58 -4.56 -2.51
N ASN A 180 -8.45 -4.80 -3.17
CA ASN A 180 -8.47 -5.21 -4.58
C ASN A 180 -9.21 -6.55 -4.75
N ALA A 181 -8.96 -7.51 -3.85
CA ALA A 181 -9.63 -8.81 -3.87
C ALA A 181 -11.13 -8.69 -3.57
N ALA A 182 -11.51 -7.85 -2.62
CA ALA A 182 -12.91 -7.63 -2.33
C ALA A 182 -13.63 -7.03 -3.52
N VAL A 183 -13.03 -6.02 -4.15
CA VAL A 183 -13.64 -5.41 -5.34
C VAL A 183 -13.67 -6.43 -6.52
N LEU A 184 -12.58 -7.14 -6.73
CA LEU A 184 -12.53 -8.11 -7.84
C LEU A 184 -13.49 -9.26 -7.66
N SER A 185 -13.69 -9.71 -6.41
CA SER A 185 -14.65 -10.76 -6.15
C SER A 185 -16.07 -10.32 -6.52
N GLU A 186 -16.43 -9.09 -6.15
CA GLU A 186 -17.72 -8.54 -6.52
C GLU A 186 -17.86 -8.35 -8.06
N ALA A 187 -16.83 -7.82 -8.68
CA ALA A 187 -16.81 -7.68 -10.13
C ALA A 187 -16.95 -8.98 -10.85
N SER A 188 -16.37 -10.04 -10.31
CA SER A 188 -16.48 -11.39 -10.86
C SER A 188 -17.91 -11.91 -10.83
N ARG A 189 -18.63 -11.67 -9.71
CA ARG A 189 -20.03 -11.99 -9.62
C ARG A 189 -20.78 -11.27 -10.75
N ILE A 191 -19.62 -10.11 -13.60
CA ILE A 191 -19.23 -10.72 -14.89
C ILE A 191 -19.99 -12.03 -15.15
N GLU A 192 -20.05 -12.90 -14.15
CA GLU A 192 -20.78 -14.16 -14.28
C GLU A 192 -22.28 -13.93 -14.52
N GLU A 193 -22.83 -12.85 -13.99
CA GLU A 193 -24.24 -12.45 -14.18
C GLU A 193 -24.57 -11.88 -15.55
N GLY A 194 -23.57 -11.40 -16.27
CA GLY A 194 -23.72 -10.84 -17.62
C GLY A 194 -23.38 -9.37 -17.71
N VAL A 195 -22.86 -8.77 -16.65
CA VAL A 195 -22.52 -7.35 -16.73
C VAL A 195 -21.27 -7.20 -17.57
N ARG A 196 -21.28 -6.28 -18.54
CA ARG A 196 -20.09 -6.05 -19.36
C ARG A 196 -18.96 -5.50 -18.52
N ALA A 197 -17.74 -5.96 -18.80
CA ALA A 197 -16.55 -5.46 -18.11
C ALA A 197 -16.45 -3.94 -18.13
N GLU A 198 -16.70 -3.36 -19.31
CA GLU A 198 -16.66 -1.92 -19.52
C GLU A 198 -17.57 -1.20 -18.54
N ASP A 199 -18.75 -1.76 -18.29
CA ASP A 199 -19.70 -1.18 -17.33
C ASP A 199 -19.27 -1.31 -15.88
N VAL A 200 -18.70 -2.45 -15.50
CA VAL A 200 -18.09 -2.59 -14.19
C VAL A 200 -17.07 -1.47 -13.97
N ASP A 201 -16.23 -1.24 -14.97
CA ASP A 201 -15.21 -0.23 -14.86
C ASP A 201 -15.79 1.19 -14.90
N ARG A 202 -16.84 1.41 -15.69
CA ARG A 202 -17.39 2.76 -15.83
C ARG A 202 -17.97 3.28 -14.51
N VAL A 203 -18.56 2.41 -13.69
CA VAL A 203 -19.07 2.88 -12.39
C VAL A 203 -17.99 3.35 -11.43
N TRP A 204 -16.76 2.89 -11.66
CA TRP A 204 -15.60 3.38 -10.96
C TRP A 204 -15.01 4.61 -11.65
N LYS A 205 -14.78 4.53 -12.93
CA LYS A 205 -14.06 5.60 -13.62
C LYS A 205 -14.85 6.91 -13.62
N HIS A 206 -16.18 6.81 -13.60
CA HIS A 206 -17.05 8.02 -13.65
C HIS A 206 -17.73 8.36 -12.37
N HIS A 207 -17.46 7.60 -11.31
CA HIS A 207 -18.07 7.86 -10.02
C HIS A 207 -17.28 7.40 -8.80
N LEU A 208 -17.25 6.09 -8.51
CA LEU A 208 -16.73 5.64 -7.23
C LEU A 208 -15.28 5.92 -7.04
N GLY A 209 -14.53 5.88 -8.14
CA GLY A 209 -13.09 6.13 -8.04
C GLY A 209 -12.83 7.58 -7.63
N LEU A 210 -13.65 8.48 -8.14
CA LEU A 210 -13.54 9.90 -7.83
C LEU A 210 -13.84 10.14 -6.33
N LEU A 211 -14.93 9.58 -5.84
CA LEU A 211 -15.28 9.74 -4.44
C LEU A 211 -14.24 9.13 -3.50
N TYR A 212 -13.77 7.95 -3.83
CA TYR A 212 -12.82 7.27 -2.99
C TYR A 212 -11.43 7.92 -3.07
N THR A 213 -11.11 8.54 -4.21
CA THR A 213 -9.88 9.31 -4.34
C THR A 213 -9.87 10.53 -3.43
N LEU A 214 -10.97 11.28 -3.41
CA LEU A 214 -11.03 12.55 -2.71
C LEU A 214 -11.38 12.37 -1.26
N PHE A 215 -12.25 11.40 -0.97
CA PHE A 215 -12.77 11.24 0.42
C PHE A 215 -12.48 9.94 1.10
N GLY A 216 -12.10 8.91 0.33
CA GLY A 216 -12.02 7.55 0.82
C GLY A 216 -13.44 6.99 1.01
N PRO A 217 -13.56 5.67 1.12
CA PRO A 217 -14.88 5.08 1.36
C PRO A 217 -15.50 5.45 2.73
N LEU A 218 -14.69 5.65 3.75
CA LEU A 218 -15.24 5.99 5.08
C LEU A 218 -15.61 7.48 5.16
N GLY A 219 -14.71 8.36 4.73
CA GLY A 219 -15.04 9.78 4.58
C GLY A 219 -16.27 10.00 3.72
N ASN A 220 -16.39 9.28 2.60
CA ASN A 220 -17.59 9.37 1.76
C ASN A 220 -18.90 9.02 2.54
N LEU A 221 -18.80 8.01 3.39
CA LEU A 221 -19.88 7.57 4.29
C LEU A 221 -20.39 8.68 5.16
N ASP A 222 -19.49 9.52 5.69
CA ASP A 222 -19.88 10.68 6.52
C ASP A 222 -20.82 11.64 5.79
N TYR A 223 -20.58 11.84 4.50
CA TYR A 223 -21.41 12.68 3.66
C TYR A 223 -22.72 12.00 3.30
N ILE A 224 -22.67 10.70 3.01
CA ILE A 224 -23.88 9.89 2.84
C ILE A 224 -24.74 10.02 4.09
N GLY A 225 -24.11 9.89 5.26
CA GLY A 225 -24.81 9.87 6.54
C GLY A 225 -24.72 8.48 7.09
N LEU A 226 -24.14 8.36 8.29
CA LEU A 226 -23.94 7.05 8.91
C LEU A 226 -25.27 6.42 9.26
N ASP A 227 -26.23 7.21 9.77
CA ASP A 227 -27.61 6.75 9.99
C ASP A 227 -28.27 6.24 8.69
N VAL A 228 -28.14 7.03 7.61
CA VAL A 228 -28.65 6.67 6.31
C VAL A 228 -28.06 5.34 5.88
N ALA A 229 -26.74 5.21 6.00
CA ALA A 229 -26.04 4.00 5.59
C ALA A 229 -26.44 2.78 6.40
N TYR A 230 -26.59 2.93 7.71
CA TYR A 230 -26.94 1.81 8.55
C TYR A 230 -28.33 1.25 8.21
N TYR A 231 -29.32 2.14 8.13
CA TYR A 231 -30.67 1.74 7.76
C TYR A 231 -30.77 1.30 6.29
N ALA A 232 -29.99 1.90 5.40
CA ALA A 232 -30.00 1.48 3.99
C ALA A 232 -29.37 0.11 3.84
N SER A 233 -28.20 -0.09 4.41
CA SER A 233 -27.59 -1.44 4.39
C SER A 233 -28.45 -2.49 5.06
N LEU A 234 -29.01 -2.15 6.23
CA LEU A 234 -29.97 -3.03 6.93
C LEU A 234 -31.18 -3.45 6.05
N TYR A 235 -31.73 -2.51 5.27
CA TYR A 235 -32.84 -2.83 4.38
C TYR A 235 -32.31 -3.82 3.36
N LEU A 236 -31.18 -3.49 2.74
CA LEU A 236 -30.58 -4.32 1.71
C LEU A 236 -30.26 -5.72 2.26
N TYR A 237 -29.73 -5.78 3.47
CA TYR A 237 -29.50 -7.08 4.12
C TYR A 237 -30.81 -7.84 4.33
N LYS A 238 -31.83 -7.17 4.85
CA LYS A 238 -33.12 -7.86 5.06
C LYS A 238 -33.84 -8.25 3.74
N ARG A 239 -33.57 -7.50 2.67
CA ARG A 239 -34.20 -7.78 1.38
C ARG A 239 -33.48 -8.85 0.52
N PHE A 240 -32.14 -8.90 0.51
CA PHE A 240 -31.44 -9.65 -0.57
C PHE A 240 -30.68 -11.03 -0.32
N GLY A 241 -30.19 -11.40 0.86
CA GLY A 241 -29.61 -10.58 1.89
C GLY A 241 -28.13 -11.00 1.95
N ASP A 242 -27.38 -10.54 0.96
CA ASP A 242 -25.95 -10.80 0.84
C ASP A 242 -25.26 -10.38 2.12
N GLU A 243 -24.27 -11.17 2.54
CA GLU A 243 -23.47 -10.84 3.73
C GLU A 243 -22.90 -9.42 3.63
N LYS A 244 -22.37 -9.01 2.47
CA LYS A 244 -21.78 -7.65 2.31
C LYS A 244 -22.73 -6.51 2.73
N PHE A 245 -24.03 -6.78 2.75
CA PHE A 245 -24.98 -5.77 3.22
C PHE A 245 -25.12 -5.75 4.74
N LYS A 246 -24.56 -6.75 5.42
CA LYS A 246 -24.80 -6.88 6.88
C LYS A 246 -24.26 -5.62 7.60
N PRO A 247 -25.14 -4.93 8.36
CA PRO A 247 -24.80 -3.65 9.03
C PRO A 247 -23.78 -3.77 10.19
N PRO A 248 -22.63 -3.07 10.07
CA PRO A 248 -21.54 -3.23 11.04
C PRO A 248 -21.86 -2.69 12.42
N GLU A 249 -21.34 -3.38 13.43
CA GLU A 249 -21.43 -2.98 14.82
C GLU A 249 -20.83 -1.60 15.16
N TRP A 250 -19.68 -1.29 14.58
CA TRP A 250 -19.02 0.02 14.82
C TRP A 250 -19.95 1.16 14.44
N LEU A 251 -20.76 0.92 13.41
CA LEU A 251 -21.68 1.92 12.89
C LEU A 251 -22.79 2.18 13.88
N GLN A 252 -23.23 1.14 14.58
CA GLN A 252 -24.35 1.27 15.49
C GLN A 252 -24.00 2.08 16.75
N GLU A 253 -22.75 1.96 17.20
CA GLU A 253 -22.26 2.78 18.31
C GLU A 253 -22.25 4.26 17.94
N LYS A 254 -21.86 4.56 16.71
CA LYS A 254 -21.87 5.93 16.19
C LYS A 254 -23.26 6.56 16.18
N ILE A 255 -24.26 5.79 15.77
CA ILE A 255 -25.64 6.32 15.66
C ILE A 255 -26.25 6.52 17.03
N LYS A 256 -25.93 5.64 17.98
CA LYS A 256 -26.35 5.84 19.37
C LYS A 256 -25.72 7.10 19.98
N LYS A 257 -24.51 7.45 19.56
CA LYS A 257 -23.85 8.69 19.99
C LYS A 257 -24.33 9.97 19.25
N GLY A 258 -25.17 9.82 18.23
CA GLY A 258 -25.54 10.96 17.37
C GLY A 258 -24.42 11.43 16.44
N GLU A 259 -23.38 10.62 16.30
CA GLU A 259 -22.27 10.94 15.41
C GLU A 259 -22.57 10.37 14.04
N VAL A 260 -23.53 11.00 13.36
CA VAL A 260 -24.12 10.47 12.12
C VAL A 260 -23.47 10.99 10.83
N GLY A 261 -22.48 11.88 10.95
CA GLY A 261 -21.70 12.35 9.82
C GLY A 261 -21.58 13.86 9.70
N VAL A 262 -21.34 14.31 8.48
CA VAL A 262 -21.16 15.74 8.17
C VAL A 262 -22.30 16.60 8.70
N LYS A 263 -23.53 16.09 8.60
CA LYS A 263 -24.72 16.83 9.07
C LYS A 263 -24.68 17.11 10.57
N ALA A 264 -24.05 16.22 11.35
CA ALA A 264 -23.89 16.41 12.78
C ALA A 264 -22.52 16.98 13.14
N GLY A 265 -21.71 17.26 12.13
CA GLY A 265 -20.40 17.81 12.33
C GLY A 265 -19.41 16.75 12.79
N LYS A 266 -19.85 15.49 12.86
CA LYS A 266 -19.02 14.41 13.38
C LYS A 266 -19.58 13.06 12.99
N GLY A 267 -18.78 12.25 12.32
CA GLY A 267 -19.12 10.88 12.13
C GLY A 267 -17.87 10.07 12.36
N ILE A 268 -17.36 9.48 11.29
CA ILE A 268 -16.02 8.88 11.34
C ILE A 268 -15.00 10.01 11.59
N TYR A 269 -15.20 11.14 10.92
CA TYR A 269 -14.33 12.31 11.04
C TYR A 269 -15.15 13.51 11.50
N GLU A 270 -14.47 14.64 11.76
CA GLU A 270 -15.12 15.87 12.21
C GLU A 270 -15.08 16.89 11.09
N TYR A 271 -16.14 17.71 11.02
CA TYR A 271 -16.39 18.61 9.88
C TYR A 271 -16.73 20.03 10.35
N GLY A 272 -16.43 21.01 9.49
CA GLY A 272 -16.82 22.41 9.71
C GLY A 272 -18.02 22.72 8.83
N PRO A 273 -18.55 23.96 8.92
CA PRO A 273 -19.82 24.29 8.28
C PRO A 273 -19.84 24.24 6.74
N LYS A 274 -18.69 24.37 6.08
CA LYS A 274 -18.65 24.45 4.62
C LYS A 274 -18.35 23.09 3.96
N ALA A 275 -18.44 22.01 4.71
CA ALA A 275 -18.03 20.68 4.21
C ALA A 275 -18.72 20.27 2.92
N TYR A 276 -20.05 20.43 2.86
CA TYR A 276 -20.81 20.02 1.67
C TYR A 276 -20.38 20.87 0.46
N GLU A 277 -20.27 22.17 0.67
CA GLU A 277 -19.86 23.06 -0.40
C GLU A 277 -18.47 22.72 -0.90
N GLU A 278 -17.53 22.48 0.04
CA GLU A 278 -16.16 22.09 -0.34
C GLU A 278 -16.10 20.74 -1.07
N ARG A 279 -16.87 19.75 -0.62
CA ARG A 279 -17.00 18.50 -1.38
C ARG A 279 -17.33 18.72 -2.86
N VAL A 280 -18.39 19.46 -3.13
CA VAL A 280 -18.81 19.74 -4.52
C VAL A 280 -17.72 20.49 -5.31
N GLU A 281 -17.10 21.50 -4.70
CA GLU A 281 -16.00 22.25 -5.33
C GLU A 281 -14.86 21.31 -5.73
N ARG A 282 -14.47 20.42 -4.83
CA ARG A 282 -13.38 19.48 -5.14
C ARG A 282 -13.75 18.49 -6.24
N LEU A 283 -14.99 17.99 -6.21
CA LEU A 283 -15.44 17.07 -7.25
C LEU A 283 -15.52 17.81 -8.61
N LYS A 284 -16.02 19.04 -8.62
CA LYS A 284 -16.11 19.77 -9.88
C LYS A 284 -14.70 19.96 -10.50
N LYS A 285 -13.73 20.23 -9.64
CA LYS A 285 -12.36 20.48 -10.08
C LYS A 285 -11.76 19.21 -10.67
N LEU A 286 -12.00 18.09 -10.00
CA LEU A 286 -11.51 16.79 -10.48
C LEU A 286 -12.17 16.37 -11.77
N LEU A 287 -13.50 16.51 -11.86
CA LEU A 287 -14.23 16.29 -13.12
C LEU A 287 -13.69 17.09 -14.29
N ARG A 288 -13.50 18.39 -14.10
CA ARG A 288 -12.92 19.26 -15.11
C ARG A 288 -11.53 18.75 -15.55
N PHE A 289 -10.68 18.41 -14.58
CA PHE A 289 -9.35 17.91 -14.89
C PHE A 289 -9.41 16.63 -15.71
N LEU A 290 -10.29 15.73 -15.35
CA LEU A 290 -10.45 14.47 -16.05
C LEU A 290 -11.25 14.61 -17.37
N GLY A 291 -11.84 15.77 -17.61
CA GLY A 291 -12.67 15.96 -18.81
C GLY A 291 -14.02 15.23 -18.75
N LEU A 292 -14.52 14.99 -17.53
CA LEU A 292 -15.81 14.31 -17.34
C LEU A 292 -16.98 15.27 -16.93
N GLU A 293 -16.77 16.57 -17.10
CA GLU A 293 -17.75 17.58 -16.67
C GLU A 293 -18.88 17.78 -17.70
#